data_1JZX
#
_entry.id   1JZX
#
_cell.length_a   170.300
_cell.length_b   410.100
_cell.length_c   697.200
_cell.angle_alpha   90.00
_cell.angle_beta   90.00
_cell.angle_gamma   90.00
#
_symmetry.space_group_name_H-M   'I 2 2 2'
#
loop_
_entity.id
_entity.type
_entity.pdbx_description
1 polymer '23S rRNA'
2 polymer 'Ribosomal Protein L4'
3 polymer 'Ribosomal Protein L22'
4 polymer 'Ribosomal Protein L32'
5 non-polymer CLINDAMYCIN
6 non-polymer 'MAGNESIUM ION'
#
loop_
_entity_poly.entity_id
_entity_poly.type
_entity_poly.pdbx_seq_one_letter_code
_entity_poly.pdbx_strand_id
1 'polyribonucleotide'
;GGUCAAGAUAGUAAGGGUCCACGGUGGAUGCCCUGGCGCUGGAGCCGAUGAAGGACGCGAUUACCUGCGAAAAGCCCCGA
CGAGCUGGAGAUACGCUUUGACUCGGGGAUGUCCGAAUGGGGAAACCCACCUCGUAAGAGGUAUCCGCAAGGAUGGGAAC
UCAGGGAACUGAAACAUCUCAGUACCUGAAGGAGAAGAAAGAGAAUUCGAUUCCGUUAGUAGCGGCGAGCGAACCCGGAU
CAGCCCAAACCGAAACGCUUGCGUUUCGGGGUUGUAGGACCAGUUUUUAAGAUUCAACCCCUCAAGCCGAAGUGGCUGGA
AAGCUACACCUCAGAAGGUGAGAGUCCUGUAGGCGAACGAGCGGUUGACUGUACUGGCACCUGAGUAGGUCGUUGUUCGU
GAAACGAUGACUGAAUCCGCGCGGACCACCGCGCAAGGCUAAAUACUCCCAGUGACCGAUAGCGCAUAGUACCGUGAGGG
AAAGGUGAAAAGAACCCCGGGAGGGGAGUGAAAGAGAACCUGAAACCGUGGACUUACAAGCAGUCAUGGCACCUUAUGCG
UGUUAUGGCGUGCCUAUUGAAGCAUGAGCCGGCGACUUAGACCUGACGUGCGAGCUUAAGUUGAAAAACGGAGGCGGAGC
GAAAGCGAGUCCGAAUAGGGCGGCAUUAGUACGUCGGGCUAGACUCGAAACCAGGUGAGCUAAGCAUGACCAGGUUGAAA
CCCCCGUGACAGGGGGCGGAGGACCGAACCGGUGCCUGCUGAAACAGUCUCGGAUGAGUUGUGUUUAGGAGUGAAAAGCU
AACCGAACCUGGAGAUAGCUAGUUCUCCCCGAAAUGUAUUGAGGUACAGCCUCGGAUGUUGACCAUGUCCUGUAGAGCAC
UCACAAGGCUAGGGGGCCUACCAGCUUACCAAACCUUAUGAAACUCCGAAGGGGCACGCGUUUAGUCCGGGAGUGAGGCU
GCGAGAGCUAACUUCCGUAGCCGAGAGGGAAACAACCCAGACCAUCAGCUAAGGUCCCUAAAUGAUCGCUCAGUGGUUAA
GGAUGUGUCGUCGCAUAGACAGCCAGGAGGUUGGCUUAGAAGCAGCCACCCUUCAAAGAGUGCGUAAUAGCUCACUGGUC
GAGUGACGAUGCGCCGAAAAUGAUCGGGGCUCAAGUGAUCUACCGAAGCUAUGGAUUCAACUCGCGAAGCGAGUUGUCUG
GUAGGGGAGCGUUCAGUCCGCGGAGAAGCCAUACCGGAAGGAGUGGUGGAGCCGACUGAAGUGCGGAUGCCGGCAUGAGU
AACGAUAAAAGAAGUGAGAAUCUUCUUCGCCGUAAGGACAAGGGUUCCUGGGGAAGGGUCGUCCGCCCAGGGAAAGUCGG
GACCUAAGGUGAGGCCGAACGGCGCAGCCGAUGGACAGCAGGUCAAGAUUCCUGCACCGAUCAUGUGGAGUGAUGGAGGG
ACGCAUUACGCUAUCCAAUGCCAAGCUAUGGCUAUGCUGGUUGGUACGCUCAAGGGCGAUCGGGUCAGAAAAUCUACCGG
UCACAUGCCUCAGACGUAUCGGGAGCUUCCUCGGAAGCGAAGUUGGAAACGCGACGGUGCCAAGAAAAGCUUCUAAACGU
UGAAACAUGAUUGCCCGUACCGCAAACCGACACAGGUGUCCGAGUGUCAAUGCACUAAGGCGCGCGAGAGAACCCUCGUU
AAGGAACUUUGCAAUCUCACCCCGUAACUUCGGAAGAAGGGGUCCCCACGCUUCGCGUGGGGCGCAGUGAAUAGGCCCAG
GCGACUGUUUACCAAAAUCACAGCACUCUGCCAACACGAACAGUGGACGUAUAGGGUGUGACGCCUGCCCGGUGCCGGAA
GGUCAAGUGGAGCGGUGCAAGCUGCGAAAUGAAGCCCCGGUGAACGGCGGCCGUAACUAUAACGGUCCUAAGGUAGCGAA
AUUCCUUGUCGGGUAAGUUCCGACCUGCACGAAAGGCGUAACGAUCUGGGCGCUGUCUCAACGAGGGACUCGGUGAAAUU
GAAUUGGCUGUAAAGAUGCGGCCUACCCGUAGCAGGACGAAAAGACCCCGUGGAGCUUUACUAUAGUCUGGCAUUGGGAU
UCGGGUUUCUCUGCGUAGGAUAGGUGGGAGCCUGCGAAACUGGCCUUUUGGGGUCGGUGGAGGCAACGGUGAAAUACCAC
CCUGAGAAACUUGGAUUUCUAACCUGAAAAAUCACUUUCGGGGACCGUGCUUGGCGGGUAGUUUGACUGGGGCGGUCGCC
UCCCAAAAUGUAACGGAGGCGCCCAAAGGUCACCUCAAGACGGUUGGAAAUCGUCUGUAGAGCGCAAAGGUAGAAGGUGG
CUUGACUGCGAGACUGACACGUCGAGCAGGGAGGAAACUCGGGCUUAGUGAACCGGUGGUACCGUGUGGAAGGGCCAUCG
AUCAACGGAUAAAAGUUACCCCGGGGAUAACAGGCUGAUCUCCCCCGAGAGUCCAUAUCGGCGGGGAGGUUUGGCACCUC
GAUGUCGGCUCGUCGCAUCCUGGGGCUGAAGAAGGUCCCAAGGGUUGGGCUGUUCGCCCAUUAAAGCGGCACGCGAGCUG
GGUUCAGAACGUCGUGAGACAGUUCGGUCUCUAUCCGCUACGGGCGCAGGAGAAUUGAGGGGAGUUGCUCCUAGUACGAG
AGGACCGGAGUGAACGGACCGCUGGUCUCCCUGCUGUCGUACCAACGGCACAUGCAGGGUAGCUAUGUCCGGAACGGAUA
ACCGCUGAAAGCAUCUAAGCGGGAAGCCAGCCCCAAGAUGAGUUCUCCCACUGUUUAUCAGGUAAGACUCCCGGAAGACC
ACCGGGUUAAGAGGCCAGGCGUGCACGCAUAGCAAUGUGUUCAGCGGACUGGUGCUCAUCAGUCGAGGUCUUGACCACUC
;
A
2 'polypeptide(L)'
;MAQINVIGQNGGRTIELPLPEVNSGVLHEVVTWQLASRRRGTASTRTRAQVSKTGRKMYGQKGTGNARHGDRSVPTFVGG
GVAFGPKPRSYDYTLPRQVRQLGLAMAIASRQEGGKLVAVDGFDIADAKTKNFISWAKQNGLDGTEKVLLVTDDENTRRA
ARNVSWVSVLPVAGVNVYDILRHDRLVIDAAALEIVEEEAGEEQQ
;
K
3 'polypeptide(L)'
;MTAPEQTFRNKKQRKQQVKLRKPGFAVAKYVRMSPRKVRLVVDVIRGKSVQDAEDLLRFIPRSASEPVAKVLNSAKANAL
HNDEMLEDRLFVKEAYVDAGPTLKRLIPRARGSANIIKKRTSHITIIVAEKGNK
;
L
4 'polypeptide(L)' MAKHPVPKKKTSKSKRDMRRSHHALTAPNLTECPQCHGKKLSHHICPNCGYYDGRQVLAV M
#
# COMPACT_ATOMS: atom_id res chain seq x y z
CA ALA B 2 -22.09 -26.99 -44.29
CA GLN B 3 -23.96 -23.72 -43.77
CA ILE B 4 -25.48 -21.35 -46.35
CA ASN B 5 -24.31 -17.85 -47.42
CA VAL B 6 -26.60 -14.83 -46.97
CA ILE B 7 -26.91 -12.00 -49.48
CA GLY B 8 -25.91 -12.46 -53.11
CA GLN B 9 -25.67 -16.16 -53.97
CA ASN B 10 -27.25 -18.89 -51.82
CA GLY B 11 -25.14 -22.06 -51.91
CA GLY B 12 -23.77 -23.88 -48.90
CA ARG B 13 -21.40 -26.78 -49.66
CA THR B 14 -17.75 -27.45 -50.70
CA ILE B 15 -15.33 -27.49 -47.74
CA GLU B 16 -12.55 -30.01 -47.27
CA LEU B 17 -12.35 -28.21 -43.91
CA PRO B 18 -11.36 -30.84 -41.28
CA LEU B 19 -14.38 -32.30 -39.52
CA PRO B 20 -12.88 -34.50 -36.81
CA GLU B 21 -14.63 -34.41 -33.45
CA VAL B 22 -13.45 -30.96 -32.35
CA ASN B 23 -10.25 -31.92 -30.55
CA SER B 24 -8.80 -29.62 -27.89
CA GLY B 25 -5.03 -30.05 -27.83
CA VAL B 26 -4.53 -29.75 -31.58
CA LEU B 27 -6.68 -26.61 -31.55
CA HIS B 28 -5.18 -25.07 -28.42
CA GLU B 29 -1.59 -26.09 -29.17
CA VAL B 30 -1.86 -23.46 -31.90
CA VAL B 31 -3.54 -20.91 -29.63
CA THR B 32 -0.84 -21.35 -27.01
CA TRP B 33 1.61 -20.97 -29.90
CA GLN B 34 0.18 -17.81 -31.46
CA LEU B 35 0.26 -16.13 -28.04
CA ALA B 36 3.68 -17.57 -27.19
CA SER B 37 4.88 -16.26 -30.55
CA ARG B 38 2.98 -12.97 -30.26
CA ARG B 39 5.06 -12.20 -27.18
CA ARG B 40 7.99 -9.78 -27.34
CA GLY B 41 11.08 -10.51 -25.27
CA THR B 42 11.65 -7.12 -23.66
CA ALA B 43 12.68 -6.76 -20.02
CA SER B 44 15.21 -4.69 -18.06
CA THR B 45 16.21 -7.03 -15.21
CA ARG B 46 19.78 -6.43 -14.06
CA THR B 47 20.56 -10.16 -13.95
CA ARG B 48 23.89 -8.61 -14.84
CA ALA B 49 24.00 -7.27 -11.29
CA GLN B 50 27.72 -7.97 -11.32
CA VAL B 51 27.85 -5.69 -14.37
CA SER B 52 25.82 -2.70 -13.16
CA LYS B 53 28.23 0.20 -12.47
CA THR B 54 28.89 0.27 -8.73
CA GLY B 55 31.93 -0.97 -6.81
CA ARG B 56 34.19 -4.01 -7.03
CA LYS B 57 36.82 -4.08 -4.27
CA MET B 58 35.18 -3.65 -0.86
CA TYR B 59 36.76 -2.98 2.55
CA GLY B 60 38.76 -5.57 4.49
CA GLN B 61 38.66 -9.35 4.08
CA LYS B 62 39.97 -11.73 6.76
CA GLY B 63 39.41 -10.02 10.10
CA THR B 64 37.58 -6.76 9.47
CA GLY B 65 33.82 -6.29 9.65
CA ASN B 66 33.08 -9.98 10.14
CA ALA B 67 31.66 -10.32 6.62
CA ARG B 68 33.33 -11.79 3.52
CA HIS B 69 31.80 -10.27 0.38
CA GLY B 70 33.80 -7.69 -1.54
CA ASP B 71 31.46 -6.34 -4.22
CA ARG B 72 28.51 -3.93 -4.07
CA SER B 73 26.90 -5.92 -6.89
CA VAL B 74 26.03 -9.09 -4.96
CA PRO B 75 22.42 -10.23 -5.48
CA THR B 76 22.44 -10.73 -1.71
CA PHE B 77 22.95 -6.98 -1.24
CA VAL B 78 20.78 -3.89 -1.68
CA GLY B 79 20.44 -2.12 -5.01
CA GLY B 80 22.96 -4.12 -7.01
CA GLY B 81 20.84 -6.25 -9.30
CA VAL B 82 19.23 -9.69 -9.58
CA ALA B 83 20.45 -13.27 -9.97
CA PHE B 84 18.21 -14.96 -12.55
CA GLY B 85 15.98 -12.42 -14.25
CA PRO B 86 13.92 -12.15 -17.49
CA LYS B 87 16.96 -11.75 -19.74
CA PRO B 88 16.00 -10.54 -23.26
CA ARG B 89 14.86 -13.53 -25.33
CA SER B 90 13.09 -14.04 -28.66
CA TYR B 91 10.74 -17.01 -28.12
CA ASP B 92 9.55 -18.54 -31.40
CA TYR B 93 7.80 -21.92 -31.53
CA THR B 94 7.50 -22.48 -35.29
CA LEU B 95 5.01 -25.38 -35.55
CA PRO B 96 4.30 -27.61 -38.59
CA ARG B 97 1.93 -26.25 -41.26
CA GLN B 98 -0.38 -29.21 -40.76
CA VAL B 99 -1.06 -28.58 -37.07
CA ARG B 100 -1.57 -24.94 -38.05
CA GLN B 101 -4.05 -25.46 -40.89
CA LEU B 102 -5.49 -28.58 -39.28
CA GLY B 103 -5.96 -26.38 -36.24
CA LEU B 104 -7.02 -23.16 -37.93
CA ALA B 105 -9.85 -25.30 -39.26
CA MET B 106 -10.76 -26.85 -35.90
CA ALA B 107 -12.17 -23.42 -35.08
CA ILE B 108 -14.20 -22.88 -38.26
CA ALA B 109 -15.43 -26.43 -37.68
CA SER B 110 -16.36 -25.80 -34.05
CA ARG B 111 -18.39 -22.82 -35.26
CA GLN B 112 -20.48 -24.82 -37.72
CA GLU B 113 -22.52 -25.98 -34.72
CA GLY B 114 -23.04 -22.88 -32.61
CA GLY B 115 -23.84 -20.46 -35.40
CA LYS B 116 -21.88 -19.15 -38.37
CA LEU B 117 -22.76 -16.56 -41.01
CA VAL B 118 -21.39 -15.90 -44.49
CA ALA B 119 -21.57 -13.15 -47.11
CA VAL B 120 -20.70 -13.76 -50.76
CA ASP B 121 -21.64 -10.32 -52.09
CA GLY B 122 -23.11 -8.83 -48.93
CA PHE B 123 -24.50 -5.71 -50.58
CA ASP B 124 -25.90 -3.44 -47.87
CA ILE B 125 -23.51 -0.49 -47.66
CA ALA B 126 -24.57 3.15 -47.58
CA ASP B 127 -21.10 4.45 -48.43
CA ALA B 128 -19.78 3.52 -44.97
CA LYS B 129 -21.85 4.89 -42.09
CA THR B 130 -21.74 2.12 -39.47
CA LYS B 131 -25.55 2.19 -39.61
CA ASN B 132 -26.62 -0.09 -42.46
CA PHE B 133 -23.95 -2.39 -41.05
CA ILE B 134 -25.20 -2.73 -37.49
CA SER B 135 -28.82 -2.86 -38.65
CA TRP B 136 -28.03 -5.79 -40.96
CA ALA B 137 -27.25 -7.67 -37.75
CA LYS B 138 -30.93 -7.79 -36.83
CA GLN B 139 -31.66 -9.56 -40.12
CA ASN B 140 -29.84 -12.65 -38.90
CA GLY B 141 -29.24 -13.30 -35.21
CA LEU B 142 -26.86 -10.65 -33.90
CA ASP B 143 -28.88 -9.23 -31.02
CA GLY B 144 -26.31 -7.97 -28.54
CA THR B 145 -24.51 -10.78 -26.71
CA GLU B 146 -22.11 -12.06 -29.37
CA LYS B 147 -18.78 -10.74 -30.65
CA VAL B 148 -18.89 -10.93 -34.45
CA LEU B 149 -15.97 -11.45 -36.83
CA LEU B 150 -16.99 -10.40 -40.34
CA VAL B 151 -13.43 -10.81 -41.64
CA THR B 152 -14.31 -9.30 -45.02
CA ASP B 153 -11.89 -8.01 -47.67
CA ASP B 154 -14.07 -5.49 -49.51
CA GLU B 155 -12.62 -2.06 -48.68
CA ASN B 156 -15.89 -0.25 -47.91
CA THR B 157 -17.03 -3.24 -45.81
CA ARG B 158 -14.02 -2.57 -43.60
CA ARG B 159 -14.31 1.15 -42.82
CA ALA B 160 -17.92 1.04 -41.60
CA ALA B 161 -17.03 -1.42 -38.84
CA ARG B 162 -15.55 -0.38 -35.50
CA ASN B 163 -17.68 -1.74 -32.65
CA VAL B 164 -15.80 -3.19 -29.66
CA SER B 165 -18.58 -5.39 -28.30
CA TRP B 166 -19.66 -6.20 -31.86
CA VAL B 167 -17.35 -5.76 -34.86
CA SER B 168 -13.67 -6.74 -35.29
CA VAL B 169 -13.40 -7.48 -39.01
CA LEU B 170 -9.91 -8.51 -40.10
CA PRO B 171 -9.29 -7.72 -43.82
CA VAL B 172 -6.74 -9.30 -46.16
CA ALA B 173 -8.00 -12.87 -45.59
CA GLY B 174 -6.27 -13.72 -42.32
CA VAL B 175 -8.58 -15.84 -40.17
CA ASN B 176 -6.57 -18.01 -37.79
CA VAL B 177 -7.56 -19.91 -34.63
CA TYR B 178 -6.96 -17.34 -31.88
CA ASP B 179 -8.67 -14.33 -33.46
CA ILE B 180 -11.61 -16.59 -34.33
CA LEU B 181 -11.96 -17.77 -30.73
CA ARG B 182 -11.20 -14.24 -29.54
CA HIS B 183 -14.89 -13.61 -30.09
CA ASP B 184 -18.10 -15.57 -30.75
CA ARG B 185 -20.03 -15.80 -34.03
CA LEU B 186 -18.41 -15.51 -37.47
CA VAL B 187 -19.66 -13.73 -40.58
CA ILE B 188 -16.91 -14.62 -43.08
CA ASP B 189 -17.40 -12.91 -46.43
CA ALA B 190 -17.24 -14.83 -49.71
CA ALA B 191 -15.33 -18.12 -49.48
CA ALA B 192 -12.00 -16.95 -50.90
CA LEU B 193 -10.20 -19.58 -48.81
CA GLU B 194 -13.14 -21.90 -48.06
CA ILE B 195 -14.77 -23.02 -51.31
CA VAL B 196 -11.81 -21.89 -53.42
CA GLU B 197 -9.44 -24.76 -52.68
CA GLU B 198 -6.56 -26.45 -54.51
CA GLU C 5 -28.48 3.39 21.21
CA GLN C 6 -27.53 5.67 18.32
CA THR C 7 -28.37 3.85 15.08
CA PHE C 8 -26.51 4.94 11.94
CA ARG C 9 -26.03 3.98 8.30
CA ASN C 10 -22.51 4.05 6.84
CA LYS C 11 -19.00 4.57 8.19
CA LYS C 12 -19.06 7.87 6.31
CA GLN C 13 -22.34 9.17 7.69
CA ARG C 14 -20.97 9.00 11.24
CA LYS C 15 -18.05 11.19 10.15
CA GLN C 16 -20.62 13.88 9.34
CA GLN C 17 -22.82 14.19 12.42
CA VAL C 18 -19.73 13.23 14.42
CA LYS C 19 -16.48 15.20 14.28
CA LEU C 20 -14.72 12.76 16.63
CA ARG C 21 -13.11 15.20 19.06
CA LYS C 22 -12.16 13.92 22.54
CA PRO C 23 -12.18 16.71 25.20
CA GLY C 24 -10.02 17.05 28.31
CA PHE C 25 -6.80 16.00 26.59
CA ALA C 26 -3.48 17.61 25.63
CA VAL C 27 -0.07 16.69 24.18
CA ALA C 28 3.46 18.10 24.00
CA LYS C 29 4.92 16.56 20.84
CA TYR C 30 8.58 16.97 19.90
CA VAL C 31 10.05 17.20 23.41
CA ARG C 32 13.81 16.59 23.16
CA MET C 33 13.75 14.66 26.44
CA SER C 34 14.09 10.89 26.77
CA PRO C 35 10.65 9.26 27.18
CA ARG C 36 12.12 7.26 30.06
CA LYS C 37 13.00 10.22 32.27
CA VAL C 38 9.87 12.24 31.45
CA ARG C 39 7.94 9.03 32.11
CA LEU C 40 8.97 9.31 35.76
CA VAL C 41 7.77 12.85 36.42
CA VAL C 42 4.48 11.88 34.77
CA ASP C 43 4.25 8.74 36.90
CA VAL C 44 3.55 10.75 40.05
CA ILE C 45 1.35 13.19 38.12
CA ARG C 46 -1.48 10.79 37.35
CA GLY C 47 -3.52 10.15 40.48
CA LYS C 48 -5.93 12.63 42.06
CA SER C 49 -6.73 16.34 41.74
CA VAL C 50 -4.96 18.58 39.24
CA GLN C 51 -4.06 21.02 42.00
CA ASP C 52 -1.97 18.47 43.90
CA ALA C 53 -0.44 17.84 40.48
CA GLU C 54 0.67 21.48 40.45
CA ASP C 55 2.27 21.62 43.88
CA LEU C 56 4.13 18.37 43.18
CA LEU C 57 5.79 19.83 40.09
CA ARG C 58 6.80 23.38 40.96
CA PHE C 59 9.75 21.72 42.67
CA ILE C 60 10.92 18.25 41.56
CA PRO C 61 14.67 18.58 40.80
CA ARG C 62 13.93 16.80 37.52
CA SER C 63 14.08 19.28 34.63
CA ALA C 64 11.16 17.40 33.08
CA SER C 65 8.87 18.65 35.86
CA GLU C 66 8.57 21.87 33.84
CA PRO C 67 7.80 20.93 30.20
CA VAL C 68 5.39 18.29 31.51
CA ALA C 69 3.79 20.85 33.80
CA LYS C 70 3.24 23.36 31.00
CA VAL C 71 1.02 20.69 29.47
CA LEU C 72 -0.84 20.02 32.72
CA ASN C 73 -2.18 23.56 32.89
CA SER C 74 -2.87 23.24 29.17
CA ALA C 75 -5.15 20.24 29.64
CA LYS C 76 -6.61 21.92 32.71
CA ALA C 77 -7.41 24.92 30.52
CA ASN C 78 -9.23 23.03 27.77
CA ALA C 79 -11.05 21.12 30.52
CA LEU C 80 -12.61 24.31 31.90
CA HIS C 81 -13.01 26.16 28.59
CA ASN C 82 -13.59 23.85 25.62
CA ASP C 83 -14.46 20.72 27.60
CA GLU C 84 -16.57 22.89 29.93
CA MET C 85 -15.81 21.45 33.37
CA LEU C 86 -15.08 22.60 36.91
CA GLU C 87 -11.53 22.79 38.27
CA ASP C 88 -12.93 21.93 41.69
CA ARG C 89 -13.30 18.38 40.38
CA LEU C 90 -10.67 18.19 37.64
CA PHE C 91 -7.90 15.67 38.34
CA VAL C 92 -5.44 13.43 36.52
CA LYS C 93 -7.11 10.35 35.02
CA GLU C 94 -4.61 9.54 32.26
CA ALA C 95 -0.94 10.51 31.97
CA TYR C 96 1.38 8.83 29.48
CA VAL C 97 4.36 9.73 27.30
CA ASP C 98 4.66 8.29 23.79
CA ALA C 99 8.07 8.51 22.09
CA GLY C 100 9.33 11.15 19.70
CA PRO C 101 11.67 10.55 16.71
CA THR C 102 15.45 10.30 16.96
CA LEU C 103 18.44 12.54 16.26
CA LYS C 104 21.85 11.90 14.70
CA ARG C 105 25.03 12.88 16.57
CA LEU C 106 28.21 11.03 15.62
CA ILE C 107 30.21 11.33 18.86
CA PRO C 108 33.86 10.69 17.81
CA ARG C 109 34.97 7.78 19.98
CA ALA C 110 38.56 6.71 20.65
CA ARG C 111 40.63 5.13 17.87
CA GLY C 112 38.65 5.82 14.70
CA SER C 113 35.58 3.93 15.94
CA ALA C 114 32.65 6.20 15.07
CA ASN C 115 29.38 6.24 16.99
CA ILE C 116 25.80 7.53 17.18
CA ILE C 117 23.85 9.22 19.97
CA LYS C 118 20.11 8.70 20.38
CA LYS C 119 18.66 12.09 21.34
CA ARG C 120 15.27 10.48 21.93
CA THR C 121 12.25 12.77 21.93
CA SER C 122 8.91 12.47 23.75
CA HIS C 123 5.19 13.13 23.32
CA ILE C 124 4.10 14.21 26.82
CA THR C 125 0.38 13.43 26.97
CA ILE C 126 -2.02 13.83 29.89
CA ILE C 127 -5.81 13.69 30.23
CA VAL C 128 -7.70 15.66 32.88
CA ALA C 129 -11.42 15.69 33.68
CA GLU C 130 -14.11 15.68 36.37
CA LYS C 131 -14.14 12.55 38.53
CA GLY C 132 -15.51 10.93 41.67
CA ASN C 133 -17.73 7.98 42.57
CA LYS C 134 -20.51 10.04 40.99
CA ALA D 2 39.67 -4.39 22.33
CA LYS D 3 36.47 -4.32 24.42
CA HIS D 4 36.93 -7.22 26.91
CA PRO D 5 34.40 -7.40 29.77
CA VAL D 6 31.41 -8.12 27.54
CA PRO D 7 27.81 -9.30 28.09
CA LYS D 8 26.30 -12.62 27.11
CA LYS D 9 22.54 -12.33 27.54
CA LYS D 10 20.11 -9.52 26.65
CA THR D 11 17.14 -9.65 28.98
CA SER D 12 14.39 -7.45 27.49
CA LYS D 13 11.44 -6.27 29.62
CA SER D 14 11.86 -9.14 32.09
CA LYS D 15 15.09 -8.18 33.90
CA ARG D 16 15.16 -4.65 32.47
CA ASP D 17 11.94 -3.74 34.24
CA MET D 18 13.09 -5.44 37.44
CA ARG D 19 15.69 -2.65 37.47
CA ARG D 20 13.11 0.09 36.85
CA SER D 21 11.03 -0.81 39.92
CA HIS D 22 13.38 1.13 42.18
CA HIS D 23 13.70 4.06 39.80
CA ALA D 24 10.60 5.64 41.38
CA LEU D 25 10.32 9.39 42.08
CA THR D 26 9.69 10.12 45.76
CA ALA D 27 6.72 12.47 46.09
CA PRO D 28 8.10 15.70 47.65
CA ASN D 29 6.20 15.84 50.96
CA LEU D 30 4.84 19.39 50.93
CA THR D 31 3.18 21.50 53.61
CA GLU D 32 1.05 24.64 53.98
CA CYS D 33 2.74 28.03 54.46
CA PRO D 34 1.98 30.44 57.37
CA GLN D 35 -0.04 33.51 56.38
CA CYS D 36 0.66 32.16 52.91
CA HIS D 37 -0.82 29.16 51.10
CA GLY D 38 0.38 26.22 49.00
CA LYS D 39 3.85 25.29 47.74
CA LYS D 40 6.16 24.60 50.70
CA LEU D 41 9.02 22.13 50.55
CA SER D 42 9.41 21.67 54.30
CA HIS D 43 12.46 23.40 55.81
CA HIS D 44 12.90 25.77 52.86
CA ILE D 45 11.12 28.91 51.70
CA CYS D 46 7.60 29.61 50.43
CA PRO D 47 7.80 31.32 46.97
CA ASN D 48 4.58 33.37 47.13
CA CYS D 49 5.57 35.11 50.34
CA GLY D 50 8.83 33.84 51.80
CA TYR D 51 8.03 33.13 55.44
CA TYR D 52 9.84 30.95 57.97
CA ASP D 53 8.51 32.49 61.18
CA GLY D 54 8.37 35.93 59.63
CA ARG D 55 9.00 37.39 56.18
CA GLN D 56 12.49 36.86 54.72
CA VAL D 57 13.55 36.90 51.05
CA LEU D 58 11.74 39.24 48.63
CA ALA D 59 9.53 38.38 45.65
#